data_4CRD
#
_entry.id   4CRD
#
_cell.length_a   120.535
_cell.length_b   120.535
_cell.length_c   120.535
_cell.angle_alpha   90.00
_cell.angle_beta   90.00
_cell.angle_gamma   90.00
#
_symmetry.space_group_name_H-M   'I 2 3'
#
loop_
_entity.id
_entity.type
_entity.pdbx_description
1 polymer 'COAGULATION FACTOR XI'
2 non-polymer 'Methyl N-[4-[5-chloro-2-[[3-[5-chloro-2-(tetrazol-1-yl)phenyl]propanoylamino]methyl]-1H-imidazol-4-yl]phenyl]carbamate'
3 non-polymer 'SULFATE ION'
4 water water
#
_entity_poly.entity_id   1
_entity_poly.type   'polypeptide(L)'
_entity_poly.pdbx_seq_one_letter_code
;IVGGTASVRGEWPWQVTLHTTSPTQRHLCGGSIIGNQWILTAAHCFYGVESPKILRVYSGILNQAEIAEDTSFFGVQEII
IHDQYKMAESGYDIALLKLETTVNYADSQRPISLPSKGDRNVIYTDCWVTGWGYRKLRDKIQNTLQKAKIPLVTNEECQK
RYRGHKITHKMICAGYREGGKDACKGDSGGPLSCKHNEVWHLVGITSWGEGCAQRERPGVYTNVVEYVDWILEKTQAV
;
_entity_poly.pdbx_strand_id   A
#
loop_
_chem_comp.id
_chem_comp.type
_chem_comp.name
_chem_comp.formula
OTJ non-polymer 'Methyl N-[4-[5-chloro-2-[[3-[5-chloro-2-(tetrazol-1-yl)phenyl]propanoylamino]methyl]-1H-imidazol-4-yl]phenyl]carbamate' 'C22 H22 Cl2 N8 O3'
SO4 non-polymer 'SULFATE ION' 'O4 S -2'
#
# COMPACT_ATOMS: atom_id res chain seq x y z
N ILE A 1 5.54 8.70 -5.32
CA ILE A 1 6.75 7.85 -5.45
C ILE A 1 7.87 8.76 -5.86
N VAL A 2 8.98 8.74 -5.14
CA VAL A 2 10.15 9.55 -5.51
C VAL A 2 11.06 8.71 -6.40
N GLY A 3 11.58 9.34 -7.46
CA GLY A 3 12.53 8.70 -8.36
C GLY A 3 12.00 7.51 -9.15
N GLY A 4 10.69 7.49 -9.38
CA GLY A 4 10.07 6.36 -10.10
C GLY A 4 9.76 6.72 -11.54
N THR A 5 9.04 5.83 -12.24
CA THR A 5 8.60 6.12 -13.60
C THR A 5 7.13 5.73 -13.74
N ALA A 6 6.49 6.26 -14.78
CA ALA A 6 5.12 5.90 -15.15
C ALA A 6 4.95 4.42 -15.33
N SER A 7 3.88 3.87 -14.80
CA SER A 7 3.60 2.45 -15.02
C SER A 7 2.92 2.22 -16.37
N VAL A 8 3.04 1.00 -16.89
CA VAL A 8 2.27 0.57 -18.06
C VAL A 8 0.89 0.25 -17.57
N ARG A 9 -0.13 0.61 -18.34
CA ARG A 9 -1.49 0.29 -17.95
C ARG A 9 -1.61 -1.19 -17.56
N GLY A 10 -2.10 -1.44 -16.36
CA GLY A 10 -2.37 -2.79 -15.91
C GLY A 10 -1.22 -3.68 -15.49
N GLU A 11 0.00 -3.16 -15.45
CA GLU A 11 1.08 -3.97 -14.89
C GLU A 11 0.96 -4.16 -13.37
N TRP A 12 0.16 -3.35 -12.69
CA TRP A 12 -0.10 -3.53 -11.26
C TRP A 12 -1.60 -3.62 -11.04
N PRO A 13 -2.22 -4.72 -11.52
CA PRO A 13 -3.68 -4.82 -11.53
C PRO A 13 -4.35 -5.04 -10.16
N TRP A 14 -3.57 -5.29 -9.11
CA TRP A 14 -4.12 -5.36 -7.74
C TRP A 14 -4.14 -3.98 -7.08
N GLN A 15 -3.43 -3.01 -7.65
CA GLN A 15 -3.33 -1.65 -7.07
C GLN A 15 -4.65 -0.92 -7.25
N VAL A 16 -5.21 -0.38 -6.16
CA VAL A 16 -6.36 0.51 -6.25
C VAL A 16 -6.03 1.93 -5.74
N THR A 17 -6.87 2.89 -6.11
CA THR A 17 -6.88 4.24 -5.52
C THR A 17 -8.15 4.36 -4.73
N LEU A 18 -7.99 4.64 -3.44
CA LEU A 18 -9.09 4.86 -2.52
C LEU A 18 -9.32 6.38 -2.49
N HIS A 19 -10.55 6.82 -2.76
CA HIS A 19 -10.95 8.22 -2.69
C HIS A 19 -11.90 8.45 -1.51
N THR A 20 -11.92 9.72 -1.06
CA THR A 20 -12.95 10.22 -0.16
C THR A 20 -13.79 11.26 -0.91
N THR A 21 -15.11 11.33 -0.66
CA THR A 21 -15.96 12.29 -1.36
C THR A 21 -16.12 13.60 -0.58
N SER A 22 -15.64 13.62 0.66
CA SER A 22 -15.76 14.75 1.55
C SER A 22 -14.43 15.52 1.62
N PRO A 23 -14.45 16.87 1.49
CA PRO A 23 -15.55 17.78 1.19
C PRO A 23 -15.84 17.81 -0.31
N THR A 24 -14.80 17.81 -1.16
CA THR A 24 -14.95 17.46 -2.59
C THR A 24 -14.08 16.22 -2.83
N GLN A 25 -14.38 15.45 -3.87
CA GLN A 25 -13.74 14.16 -4.03
C GLN A 25 -12.24 14.26 -4.29
N ARG A 26 -11.43 13.47 -3.58
CA ARG A 26 -9.98 13.38 -3.84
C ARG A 26 -9.38 12.01 -3.49
N HIS A 27 -8.26 11.69 -4.12
CA HIS A 27 -7.44 10.54 -3.72
C HIS A 27 -7.07 10.65 -2.24
N LEU A 28 -7.20 9.52 -1.53
CA LEU A 28 -6.87 9.41 -0.10
C LEU A 28 -5.66 8.50 0.16
N CYS A 29 -5.66 7.33 -0.46
N CYS A 29 -5.69 7.28 -0.37
CA CYS A 29 -4.67 6.30 -0.18
CA CYS A 29 -4.52 6.42 -0.31
C CYS A 29 -4.58 5.25 -1.29
C CYS A 29 -4.62 5.18 -1.21
N GLY A 30 -3.52 4.44 -1.27
CA GLY A 30 -3.44 3.23 -2.10
C GLY A 30 -4.08 2.06 -1.39
N GLY A 31 -4.22 0.95 -2.11
CA GLY A 31 -4.65 -0.30 -1.53
C GLY A 31 -4.41 -1.44 -2.50
N SER A 32 -4.63 -2.66 -2.03
CA SER A 32 -4.44 -3.84 -2.87
C SER A 32 -5.62 -4.77 -2.84
N ILE A 33 -6.02 -5.26 -4.01
CA ILE A 33 -7.08 -6.30 -4.07
C ILE A 33 -6.48 -7.62 -3.58
N ILE A 34 -7.07 -8.21 -2.54
CA ILE A 34 -6.61 -9.52 -2.09
C ILE A 34 -7.70 -10.59 -2.16
N GLY A 35 -8.92 -10.18 -2.44
CA GLY A 35 -10.06 -11.09 -2.58
C GLY A 35 -11.12 -10.28 -3.28
N ASN A 36 -12.18 -10.92 -3.76
CA ASN A 36 -13.05 -10.17 -4.68
C ASN A 36 -14.00 -9.19 -4.01
N GLN A 37 -14.11 -9.28 -2.69
CA GLN A 37 -14.79 -8.27 -1.90
C GLN A 37 -13.86 -7.49 -0.94
N TRP A 38 -12.55 -7.63 -1.14
CA TRP A 38 -11.54 -7.26 -0.11
C TRP A 38 -10.33 -6.48 -0.60
N ILE A 39 -10.08 -5.32 0.02
CA ILE A 39 -8.93 -4.51 -0.24
C ILE A 39 -8.07 -4.49 1.01
N LEU A 40 -6.76 -4.67 0.86
CA LEU A 40 -5.83 -4.60 1.98
C LEU A 40 -5.11 -3.28 1.88
N THR A 41 -5.10 -2.54 2.99
CA THR A 41 -4.56 -1.20 3.03
C THR A 41 -4.03 -0.85 4.44
N ALA A 42 -3.75 0.43 4.68
CA ALA A 42 -3.16 0.90 5.95
C ALA A 42 -4.25 1.44 6.87
N ALA A 43 -4.16 1.10 8.15
CA ALA A 43 -5.10 1.66 9.15
C ALA A 43 -5.11 3.21 9.21
N HIS A 44 -3.94 3.83 9.04
CA HIS A 44 -3.82 5.25 9.29
C HIS A 44 -4.58 6.05 8.25
N CYS A 45 -4.86 5.44 7.10
CA CYS A 45 -5.67 6.09 6.09
C CYS A 45 -7.06 6.54 6.57
N PHE A 46 -7.55 5.96 7.65
CA PHE A 46 -8.90 6.21 8.11
C PHE A 46 -9.02 7.17 9.30
N TYR A 47 -7.96 7.93 9.56
CA TYR A 47 -8.00 8.95 10.58
C TYR A 47 -9.11 9.95 10.24
N GLY A 48 -10.04 10.20 11.15
CA GLY A 48 -11.11 11.18 10.87
C GLY A 48 -12.14 10.74 9.81
N VAL A 49 -12.11 9.46 9.43
CA VAL A 49 -13.15 8.91 8.56
C VAL A 49 -14.15 8.30 9.50
N GLU A 50 -15.35 8.91 9.57
CA GLU A 50 -16.40 8.56 10.54
C GLU A 50 -17.34 7.49 9.99
N SER A 51 -17.30 7.28 8.67
CA SER A 51 -18.24 6.40 8.00
C SER A 51 -17.65 5.82 6.70
N PRO A 52 -17.93 4.54 6.41
CA PRO A 52 -17.59 4.02 5.08
C PRO A 52 -18.34 4.67 3.90
N LYS A 53 -19.38 5.45 4.19
CA LYS A 53 -20.23 6.02 3.14
C LYS A 53 -19.57 7.02 2.21
N ILE A 54 -18.50 7.66 2.70
CA ILE A 54 -17.75 8.67 1.91
C ILE A 54 -16.56 8.10 1.14
N LEU A 55 -16.40 6.77 1.18
CA LEU A 55 -15.26 6.10 0.57
C LEU A 55 -15.64 5.54 -0.78
N ARG A 56 -14.76 5.70 -1.75
CA ARG A 56 -14.93 5.07 -3.04
C ARG A 56 -13.62 4.37 -3.39
N VAL A 57 -13.70 3.12 -3.86
CA VAL A 57 -12.54 2.38 -4.34
C VAL A 57 -12.58 2.26 -5.84
N TYR A 58 -11.51 2.71 -6.51
CA TYR A 58 -11.36 2.60 -7.97
C TYR A 58 -10.29 1.60 -8.36
N SER A 59 -10.69 0.69 -9.26
CA SER A 59 -9.83 -0.40 -9.73
C SER A 59 -9.58 -0.19 -11.21
N GLY A 60 -8.55 -0.83 -11.73
CA GLY A 60 -8.25 -0.74 -13.16
C GLY A 60 -7.86 0.65 -13.57
N ILE A 61 -7.39 1.45 -12.62
CA ILE A 61 -7.05 2.84 -12.90
C ILE A 61 -5.57 2.92 -13.19
N LEU A 62 -5.19 3.62 -14.27
CA LEU A 62 -3.81 4.04 -14.49
C LEU A 62 -3.70 5.51 -14.13
N ASN A 63 -4.48 6.35 -14.79
CA ASN A 63 -4.47 7.78 -14.60
C ASN A 63 -5.66 8.32 -13.82
N GLN A 64 -5.37 9.15 -12.80
CA GLN A 64 -6.40 9.80 -11.96
C GLN A 64 -7.40 10.58 -12.79
N ALA A 65 -6.99 11.00 -13.97
CA ALA A 65 -7.90 11.67 -14.90
C ALA A 65 -8.99 10.72 -15.51
N GLU A 66 -8.84 9.41 -15.38
CA GLU A 66 -9.90 8.46 -15.73
C GLU A 66 -11.08 8.59 -14.78
N ILE A 67 -10.84 9.16 -13.59
CA ILE A 67 -11.87 9.25 -12.57
C ILE A 67 -12.64 10.55 -12.71
N ALA A 68 -13.94 10.42 -12.95
CA ALA A 68 -14.84 11.55 -13.08
C ALA A 68 -16.14 11.16 -12.44
N GLU A 69 -17.10 12.09 -12.45
CA GLU A 69 -18.41 11.84 -11.85
C GLU A 69 -19.09 10.57 -12.42
N ASP A 70 -18.86 10.25 -13.69
CA ASP A 70 -19.58 9.13 -14.31
C ASP A 70 -18.78 7.80 -14.24
N THR A 71 -17.61 7.84 -13.62
CA THR A 71 -16.78 6.64 -13.48
C THR A 71 -17.32 5.69 -12.40
N SER A 72 -17.38 4.39 -12.71
CA SER A 72 -17.86 3.41 -11.73
C SER A 72 -16.82 3.11 -10.65
N PHE A 73 -17.31 2.74 -9.47
CA PHE A 73 -16.46 2.51 -8.32
C PHE A 73 -17.14 1.47 -7.45
N PHE A 74 -16.42 0.96 -6.46
CA PHE A 74 -16.98 0.05 -5.46
C PHE A 74 -17.17 0.83 -4.20
N GLY A 75 -18.38 0.79 -3.64
CA GLY A 75 -18.61 1.30 -2.31
C GLY A 75 -18.04 0.40 -1.24
N VAL A 76 -17.89 0.92 -0.03
CA VAL A 76 -17.30 0.17 1.07
C VAL A 76 -18.43 -0.15 2.05
N GLN A 77 -18.58 -1.43 2.35
CA GLN A 77 -19.61 -1.86 3.27
C GLN A 77 -19.07 -1.71 4.67
N GLU A 78 -17.78 -1.94 4.83
CA GLU A 78 -17.20 -1.92 6.18
C GLU A 78 -15.69 -1.64 6.17
N ILE A 79 -15.24 -0.85 7.15
CA ILE A 79 -13.82 -0.59 7.39
C ILE A 79 -13.40 -1.48 8.55
N ILE A 80 -12.38 -2.33 8.37
CA ILE A 80 -11.92 -3.17 9.46
C ILE A 80 -10.48 -2.78 9.77
N ILE A 81 -10.26 -2.23 10.95
CA ILE A 81 -8.93 -1.80 11.42
C ILE A 81 -8.41 -2.81 12.46
N HIS A 82 -7.14 -3.19 12.41
CA HIS A 82 -6.58 -4.09 13.44
C HIS A 82 -6.81 -3.52 14.84
N ASP A 83 -7.32 -4.34 15.75
CA ASP A 83 -7.75 -3.81 17.04
C ASP A 83 -6.63 -3.27 17.93
N GLN A 84 -5.38 -3.63 17.63
CA GLN A 84 -4.19 -3.14 18.30
C GLN A 84 -3.44 -1.98 17.61
N TYR A 85 -4.01 -1.41 16.56
CA TYR A 85 -3.41 -0.24 15.92
C TYR A 85 -3.63 0.99 16.75
N LYS A 86 -2.56 1.77 16.93
CA LYS A 86 -2.65 3.11 17.49
C LYS A 86 -2.17 4.16 16.52
N MET A 87 -1.03 3.91 15.90
CA MET A 87 -0.46 4.77 14.87
C MET A 87 0.61 4.06 14.05
N ALA A 88 0.82 4.59 12.85
CA ALA A 88 1.66 3.95 11.85
C ALA A 88 2.99 3.53 12.47
N GLU A 89 3.64 4.45 13.15
CA GLU A 89 4.99 4.21 13.65
C GLU A 89 5.13 3.15 14.74
N SER A 90 4.06 2.82 15.43
CA SER A 90 4.13 1.75 16.44
C SER A 90 3.57 0.44 15.89
N GLY A 91 3.19 0.40 14.61
CA GLY A 91 2.89 -0.86 13.92
C GLY A 91 1.43 -1.18 13.86
N TYR A 92 1.13 -2.45 13.51
CA TYR A 92 -0.25 -2.89 13.26
C TYR A 92 -1.01 -2.01 12.29
N ASP A 93 -0.28 -1.35 11.40
CA ASP A 93 -0.86 -0.43 10.45
C ASP A 93 -1.43 -1.28 9.31
N ILE A 94 -2.66 -1.74 9.49
CA ILE A 94 -3.28 -2.68 8.57
C ILE A 94 -4.78 -2.60 8.77
N ALA A 95 -5.46 -2.57 7.63
CA ALA A 95 -6.90 -2.48 7.59
C ALA A 95 -7.42 -3.19 6.34
N LEU A 96 -8.65 -3.68 6.44
CA LEU A 96 -9.37 -4.31 5.35
C LEU A 96 -10.58 -3.46 5.01
N LEU A 97 -10.90 -3.35 3.72
CA LEU A 97 -12.15 -2.77 3.27
C LEU A 97 -13.01 -3.87 2.67
N LYS A 98 -14.19 -4.07 3.24
CA LYS A 98 -15.18 -4.96 2.65
C LYS A 98 -16.03 -4.14 1.66
N LEU A 99 -15.96 -4.52 0.39
CA LEU A 99 -16.65 -3.83 -0.66
C LEU A 99 -18.14 -4.21 -0.66
N GLU A 100 -18.98 -3.27 -1.07
CA GLU A 100 -20.43 -3.51 -1.14
C GLU A 100 -20.81 -4.52 -2.23
N THR A 101 -20.04 -4.58 -3.30
CA THR A 101 -20.23 -5.53 -4.37
C THR A 101 -18.90 -6.23 -4.60
N THR A 102 -18.90 -7.25 -5.44
CA THR A 102 -17.69 -8.02 -5.69
C THR A 102 -17.02 -7.57 -6.98
N VAL A 103 -15.69 -7.64 -6.98
CA VAL A 103 -14.88 -7.29 -8.12
C VAL A 103 -14.92 -8.47 -9.09
N ASN A 104 -15.21 -8.16 -10.35
CA ASN A 104 -15.07 -9.14 -11.44
C ASN A 104 -13.65 -9.15 -11.90
N TYR A 105 -12.93 -10.24 -11.65
CA TYR A 105 -11.51 -10.26 -12.03
C TYR A 105 -11.31 -10.18 -13.54
N ALA A 106 -10.27 -9.46 -13.95
CA ALA A 106 -9.94 -9.26 -15.35
C ALA A 106 -8.47 -8.87 -15.39
N ASP A 107 -7.93 -8.73 -16.60
CA ASP A 107 -6.51 -8.34 -16.77
C ASP A 107 -6.18 -6.97 -16.15
N SER A 108 -7.16 -6.09 -16.03
CA SER A 108 -6.98 -4.76 -15.44
C SER A 108 -7.26 -4.69 -13.94
N GLN A 109 -7.83 -5.74 -13.36
CA GLN A 109 -8.11 -5.80 -11.92
C GLN A 109 -8.15 -7.24 -11.41
N ARG A 110 -7.18 -7.63 -10.60
CA ARG A 110 -7.15 -8.99 -10.08
C ARG A 110 -6.33 -9.02 -8.79
N PRO A 111 -6.51 -10.08 -7.96
CA PRO A 111 -5.93 -10.08 -6.63
C PRO A 111 -4.44 -10.46 -6.68
N ILE A 112 -3.69 -9.98 -5.69
CA ILE A 112 -2.30 -10.36 -5.45
C ILE A 112 -2.30 -11.41 -4.33
N SER A 113 -1.38 -12.36 -4.46
CA SER A 113 -1.26 -13.45 -3.50
C SER A 113 -0.56 -12.96 -2.24
N LEU A 114 -0.99 -13.49 -1.11
CA LEU A 114 -0.36 -13.17 0.16
C LEU A 114 0.85 -14.08 0.34
N PRO A 115 1.90 -13.59 1.00
CA PRO A 115 3.00 -14.50 1.26
C PRO A 115 2.59 -15.55 2.28
N SER A 116 3.31 -16.65 2.29
CA SER A 116 2.95 -17.79 3.12
C SER A 116 3.92 -17.84 4.29
N LYS A 117 3.45 -18.35 5.44
CA LYS A 117 4.28 -18.41 6.65
C LYS A 117 5.61 -19.13 6.42
N GLY A 118 5.64 -20.08 5.50
CA GLY A 118 6.83 -20.85 5.20
C GLY A 118 7.83 -20.14 4.32
N ASP A 119 7.60 -18.69 3.94
CA ASP A 119 8.42 -17.90 3.08
C ASP A 119 9.14 -16.89 3.95
N ARG A 120 9.20 -17.09 5.35
CA ARG A 120 9.77 -16.06 6.22
C ARG A 120 11.26 -15.86 6.01
N ASN A 121 11.88 -16.83 5.36
CA ASN A 121 13.32 -16.84 5.11
C ASN A 121 13.64 -16.66 3.63
N VAL A 122 12.62 -16.42 2.82
CA VAL A 122 12.81 -16.12 1.41
C VAL A 122 13.56 -14.77 1.31
N ILE A 123 14.45 -14.68 0.33
CA ILE A 123 15.25 -13.49 0.03
C ILE A 123 14.68 -12.84 -1.24
N TYR A 124 13.83 -11.82 -1.05
CA TYR A 124 13.19 -11.15 -2.19
C TYR A 124 14.18 -10.19 -2.81
N THR A 125 14.36 -10.31 -4.11
CA THR A 125 15.28 -9.49 -4.84
C THR A 125 14.59 -8.66 -5.91
N ASP A 126 13.27 -8.80 -6.07
CA ASP A 126 12.57 -8.06 -7.14
C ASP A 126 11.28 -7.38 -6.64
N CYS A 127 11.47 -6.30 -5.87
CA CYS A 127 10.42 -5.64 -5.06
C CYS A 127 10.16 -4.23 -5.56
N TRP A 128 8.89 -3.84 -5.63
CA TRP A 128 8.52 -2.56 -6.21
C TRP A 128 7.48 -1.84 -5.38
N VAL A 129 7.61 -0.52 -5.29
CA VAL A 129 6.62 0.30 -4.61
C VAL A 129 5.91 1.15 -5.64
N THR A 130 4.59 1.30 -5.50
CA THR A 130 3.77 1.92 -6.51
C THR A 130 2.77 2.85 -5.88
N GLY A 131 2.40 3.92 -6.58
CA GLY A 131 1.28 4.77 -6.15
C GLY A 131 1.21 6.09 -6.88
N TRP A 132 0.19 6.87 -6.54
CA TRP A 132 -0.01 8.19 -7.11
C TRP A 132 0.48 9.31 -6.20
N GLY A 133 1.30 8.99 -5.20
CA GLY A 133 1.83 9.99 -4.25
C GLY A 133 2.77 11.05 -4.81
N TYR A 134 3.26 11.92 -3.93
CA TYR A 134 4.16 13.00 -4.30
C TYR A 134 5.49 12.46 -4.85
N ARG A 135 6.11 13.23 -5.73
CA ARG A 135 7.45 12.91 -6.28
C ARG A 135 8.55 13.52 -5.43
N LYS A 136 8.16 14.39 -4.50
CA LYS A 136 9.00 14.83 -3.38
C LYS A 136 8.12 15.35 -2.26
N LEU A 137 8.74 15.62 -1.10
CA LEU A 137 8.01 15.93 0.13
C LEU A 137 6.98 17.05 -0.03
N ARG A 138 7.29 18.00 -0.91
CA ARG A 138 6.40 19.12 -1.16
C ARG A 138 6.08 19.07 -2.64
N ASP A 139 4.90 18.56 -2.94
CA ASP A 139 4.48 18.33 -4.32
C ASP A 139 2.94 18.18 -4.36
N LYS A 140 2.46 17.35 -5.29
CA LYS A 140 1.06 17.04 -5.42
C LYS A 140 0.88 15.61 -5.91
N ILE A 141 -0.35 15.12 -5.79
CA ILE A 141 -0.76 13.79 -6.25
C ILE A 141 -0.50 13.69 -7.74
N GLN A 142 0.07 12.58 -8.18
CA GLN A 142 0.44 12.45 -9.57
C GLN A 142 -0.70 11.85 -10.36
N ASN A 143 -0.86 12.28 -11.60
CA ASN A 143 -1.89 11.72 -12.49
C ASN A 143 -1.66 10.24 -12.80
N THR A 144 -0.47 9.90 -13.26
CA THR A 144 -0.12 8.55 -13.68
C THR A 144 0.56 7.75 -12.58
N LEU A 145 0.02 6.55 -12.31
CA LEU A 145 0.58 5.62 -11.33
C LEU A 145 2.06 5.39 -11.57
N GLN A 146 2.87 5.69 -10.55
CA GLN A 146 4.32 5.59 -10.64
C GLN A 146 4.81 4.31 -10.01
N LYS A 147 5.97 3.84 -10.47
CA LYS A 147 6.60 2.65 -9.90
C LYS A 147 8.09 2.88 -9.59
N ALA A 148 8.64 2.10 -8.67
CA ALA A 148 10.05 2.19 -8.34
C ALA A 148 10.51 0.90 -7.73
N LYS A 149 11.68 0.45 -8.18
CA LYS A 149 12.28 -0.76 -7.68
C LYS A 149 13.09 -0.35 -6.48
N ILE A 150 12.86 -1.02 -5.35
CA ILE A 150 13.57 -0.68 -4.14
C ILE A 150 14.02 -1.98 -3.45
N PRO A 151 15.31 -2.06 -3.04
CA PRO A 151 15.78 -3.29 -2.36
C PRO A 151 15.36 -3.37 -0.89
N LEU A 152 15.02 -4.57 -0.41
CA LEU A 152 14.77 -4.77 1.00
C LEU A 152 16.05 -4.58 1.80
N VAL A 153 15.91 -4.06 3.00
CA VAL A 153 17.01 -4.01 3.95
C VAL A 153 16.57 -4.80 5.16
N THR A 154 17.53 -5.42 5.83
CA THR A 154 17.24 -6.20 7.02
C THR A 154 16.72 -5.30 8.15
N ASN A 155 16.04 -5.90 9.11
CA ASN A 155 15.53 -5.18 10.28
C ASN A 155 16.65 -4.62 11.15
N GLU A 156 17.74 -5.37 11.29
CA GLU A 156 18.89 -4.87 12.03
C GLU A 156 19.40 -3.58 11.38
N GLU A 157 19.47 -3.57 10.06
CA GLU A 157 19.91 -2.38 9.34
C GLU A 157 18.89 -1.24 9.51
N CYS A 158 17.62 -1.54 9.26
CA CYS A 158 16.55 -0.55 9.42
C CYS A 158 16.55 0.10 10.82
N GLN A 159 16.65 -0.75 11.84
CA GLN A 159 16.73 -0.28 13.24
C GLN A 159 17.86 0.74 13.49
N LYS A 160 19.04 0.52 12.90
CA LYS A 160 20.17 1.46 13.04
C LYS A 160 19.86 2.83 12.45
N ARG A 161 18.98 2.86 11.46
CA ARG A 161 18.59 4.10 10.80
C ARG A 161 17.48 4.82 11.54
N TYR A 162 16.74 4.09 12.38
CA TYR A 162 15.67 4.69 13.15
C TYR A 162 15.91 4.41 14.65
N ARG A 163 16.94 5.07 15.18
CA ARG A 163 17.33 4.91 16.59
C ARG A 163 16.23 5.27 17.59
N GLY A 164 15.39 6.25 17.24
CA GLY A 164 14.29 6.65 18.12
C GLY A 164 13.01 5.84 18.01
N HIS A 165 12.97 4.84 17.15
CA HIS A 165 11.80 4.00 17.01
C HIS A 165 12.18 2.56 17.34
N LYS A 166 11.17 1.75 17.60
CA LYS A 166 11.33 0.33 17.66
C LYS A 166 10.91 -0.31 16.31
N ILE A 167 11.88 -0.73 15.50
CA ILE A 167 11.56 -1.43 14.24
C ILE A 167 11.32 -2.90 14.55
N THR A 168 10.07 -3.33 14.50
CA THR A 168 9.70 -4.65 14.98
C THR A 168 9.71 -5.66 13.86
N HIS A 169 9.60 -6.93 14.23
CA HIS A 169 9.56 -8.03 13.27
C HIS A 169 8.24 -8.02 12.44
N LYS A 170 7.28 -7.19 12.84
CA LYS A 170 6.06 -6.98 12.07
C LYS A 170 6.18 -5.83 11.08
N MET A 171 7.36 -5.23 10.99
CA MET A 171 7.65 -4.25 9.98
C MET A 171 8.69 -4.82 9.02
N ILE A 172 8.73 -4.25 7.82
CA ILE A 172 9.80 -4.56 6.89
C ILE A 172 10.18 -3.26 6.20
N CYS A 173 11.46 -3.13 5.89
CA CYS A 173 12.03 -1.89 5.37
C CYS A 173 12.73 -2.04 4.02
N ALA A 174 12.63 -0.99 3.22
CA ALA A 174 13.19 -0.99 1.86
C ALA A 174 13.72 0.39 1.52
N GLY A 175 14.89 0.46 0.89
CA GLY A 175 15.50 1.72 0.50
C GLY A 175 16.95 1.63 0.06
N TYR A 176 17.42 2.66 -0.64
CA TYR A 176 18.83 2.80 -1.01
C TYR A 176 19.58 3.56 0.09
N ARG A 177 20.76 3.06 0.46
CA ARG A 177 21.62 3.74 1.43
C ARG A 177 21.72 5.21 1.11
N GLU A 178 21.87 5.50 -0.18
CA GLU A 178 21.99 6.87 -0.68
C GLU A 178 20.63 7.50 -1.04
N GLY A 179 19.52 6.81 -0.76
CA GLY A 179 18.17 7.36 -0.97
C GLY A 179 17.83 7.47 -2.44
N GLY A 180 16.90 8.36 -2.78
CA GLY A 180 16.60 8.69 -4.18
C GLY A 180 15.35 8.04 -4.73
N LYS A 181 14.96 6.90 -4.17
CA LYS A 181 13.73 6.21 -4.57
C LYS A 181 12.95 5.77 -3.35
N ASP A 182 11.66 6.08 -3.29
CA ASP A 182 10.84 5.81 -2.10
C ASP A 182 9.39 6.15 -2.35
N ALA A 183 8.52 5.58 -1.53
CA ALA A 183 7.18 6.11 -1.35
C ALA A 183 7.22 7.54 -0.88
N CYS A 184 6.10 8.24 -1.03
CA CYS A 184 5.94 9.54 -0.41
C CYS A 184 4.45 9.83 -0.18
N LYS A 185 4.12 11.05 0.24
CA LYS A 185 2.73 11.37 0.62
C LYS A 185 1.71 11.03 -0.48
N GLY A 186 0.72 10.23 -0.13
CA GLY A 186 -0.29 9.76 -1.11
C GLY A 186 -0.08 8.30 -1.51
N ASP A 187 1.11 7.76 -1.28
CA ASP A 187 1.41 6.34 -1.58
C ASP A 187 0.94 5.35 -0.50
N SER A 188 0.67 5.81 0.72
CA SER A 188 0.47 4.83 1.81
C SER A 188 -0.77 3.98 1.61
N GLY A 189 -0.77 2.79 2.21
CA GLY A 189 -1.83 1.82 2.01
C GLY A 189 -1.59 0.97 0.76
N GLY A 190 -0.77 1.47 -0.15
CA GLY A 190 -0.41 0.75 -1.35
C GLY A 190 0.52 -0.41 -1.09
N PRO A 191 0.72 -1.27 -2.09
CA PRO A 191 1.54 -2.47 -1.98
C PRO A 191 3.03 -2.22 -2.11
N LEU A 192 3.81 -3.05 -1.43
CA LEU A 192 5.19 -3.32 -1.82
C LEU A 192 5.14 -4.71 -2.45
N SER A 193 5.33 -4.78 -3.75
CA SER A 193 5.08 -6.04 -4.49
C SER A 193 6.41 -6.68 -4.85
N CYS A 194 6.65 -7.93 -4.44
CA CYS A 194 7.88 -8.63 -4.83
C CYS A 194 7.60 -9.89 -5.68
N LYS A 195 8.29 -9.98 -6.80
CA LYS A 195 8.11 -11.14 -7.66
C LYS A 195 9.07 -12.24 -7.26
N HIS A 196 8.54 -13.41 -6.97
CA HIS A 196 9.36 -14.57 -6.62
C HIS A 196 8.77 -15.84 -7.25
N ASN A 197 9.61 -16.57 -7.98
CA ASN A 197 9.19 -17.80 -8.67
C ASN A 197 8.03 -17.51 -9.61
N GLU A 198 8.22 -16.46 -10.40
CA GLU A 198 7.28 -16.05 -11.44
C GLU A 198 5.94 -15.54 -10.92
N VAL A 199 5.81 -15.44 -9.60
CA VAL A 199 4.57 -14.95 -8.96
C VAL A 199 4.85 -13.68 -8.13
N TRP A 200 3.86 -12.79 -8.09
CA TRP A 200 3.94 -11.58 -7.28
C TRP A 200 3.30 -11.79 -5.90
N HIS A 201 4.03 -11.41 -4.86
CA HIS A 201 3.55 -11.50 -3.49
C HIS A 201 3.41 -10.11 -2.87
N LEU A 202 2.40 -9.95 -2.02
CA LEU A 202 2.19 -8.69 -1.29
C LEU A 202 3.01 -8.83 -0.01
N VAL A 203 4.23 -8.28 -0.05
CA VAL A 203 5.20 -8.45 1.03
C VAL A 203 4.95 -7.34 2.08
N GLY A 204 4.77 -6.11 1.60
CA GLY A 204 4.53 -4.94 2.46
C GLY A 204 3.29 -4.10 2.14
N ILE A 205 2.83 -3.32 3.12
CA ILE A 205 1.88 -2.23 2.91
C ILE A 205 2.63 -0.96 3.25
N THR A 206 2.65 -0.02 2.32
CA THR A 206 3.33 1.25 2.49
C THR A 206 2.79 1.99 3.70
N SER A 207 3.69 2.36 4.61
CA SER A 207 3.25 2.78 5.95
C SER A 207 3.84 4.10 6.43
N TRP A 208 5.15 4.17 6.66
CA TRP A 208 5.77 5.41 7.08
C TRP A 208 7.28 5.49 6.79
N GLY A 209 7.80 6.71 6.87
CA GLY A 209 9.24 6.93 6.85
C GLY A 209 9.55 8.32 7.38
N GLU A 210 10.83 8.61 7.64
CA GLU A 210 11.23 9.99 7.96
C GLU A 210 11.53 10.75 6.68
N GLY A 211 10.63 11.66 6.30
CA GLY A 211 10.66 12.28 5.00
C GLY A 211 10.54 11.21 3.92
N CYS A 212 10.88 11.59 2.69
CA CYS A 212 10.75 10.69 1.51
C CYS A 212 12.09 10.51 0.78
N ALA A 213 12.56 9.28 0.64
CA ALA A 213 13.74 8.99 -0.21
C ALA A 213 15.07 9.62 0.26
N GLN A 214 15.16 9.92 1.55
CA GLN A 214 16.37 10.51 2.14
C GLN A 214 17.45 9.46 2.33
N ARG A 215 18.71 9.84 2.23
CA ARG A 215 19.78 8.86 2.47
C ARG A 215 19.66 8.34 3.91
N GLU A 216 19.99 7.08 4.11
CA GLU A 216 19.90 6.38 5.38
C GLU A 216 18.51 6.41 6.10
N ARG A 217 17.42 6.55 5.33
CA ARG A 217 16.06 6.48 5.88
C ARG A 217 15.20 5.58 5.02
N PRO A 218 15.35 4.28 5.21
CA PRO A 218 14.50 3.41 4.41
C PRO A 218 13.02 3.67 4.64
N GLY A 219 12.21 3.31 3.66
CA GLY A 219 10.77 3.27 3.85
C GLY A 219 10.43 2.14 4.81
N VAL A 220 9.39 2.32 5.63
CA VAL A 220 8.90 1.25 6.52
C VAL A 220 7.51 0.77 6.10
N TYR A 221 7.37 -0.55 6.06
CA TYR A 221 6.16 -1.20 5.51
C TYR A 221 5.64 -2.21 6.52
N THR A 222 4.33 -2.38 6.55
CA THR A 222 3.74 -3.42 7.38
C THR A 222 4.13 -4.77 6.77
N ASN A 223 4.62 -5.67 7.61
CA ASN A 223 5.11 -6.96 7.16
C ASN A 223 3.97 -7.99 7.02
N VAL A 224 3.47 -8.12 5.80
CA VAL A 224 2.19 -8.78 5.58
C VAL A 224 2.15 -10.23 6.05
N VAL A 225 3.27 -10.95 5.92
CA VAL A 225 3.26 -12.37 6.28
C VAL A 225 2.91 -12.57 7.75
N GLU A 226 3.22 -11.57 8.57
CA GLU A 226 2.88 -11.60 9.98
C GLU A 226 1.39 -11.48 10.29
N TYR A 227 0.57 -11.16 9.30
CA TYR A 227 -0.85 -10.89 9.53
C TYR A 227 -1.78 -11.85 8.80
N VAL A 228 -1.24 -12.96 8.28
CA VAL A 228 -2.08 -13.87 7.48
C VAL A 228 -3.16 -14.52 8.31
N ASP A 229 -2.89 -14.83 9.57
CA ASP A 229 -3.94 -15.31 10.47
C ASP A 229 -5.03 -14.26 10.65
N TRP A 230 -4.61 -13.03 10.92
CA TRP A 230 -5.54 -11.93 11.10
C TRP A 230 -6.39 -11.70 9.83
N ILE A 231 -5.77 -11.72 8.67
CA ILE A 231 -6.50 -11.54 7.42
C ILE A 231 -7.55 -12.64 7.29
N LEU A 232 -7.13 -13.89 7.49
CA LEU A 232 -8.07 -15.03 7.43
C LEU A 232 -9.24 -14.87 8.39
N GLU A 233 -8.95 -14.55 9.65
CA GLU A 233 -9.99 -14.37 10.67
C GLU A 233 -11.02 -13.33 10.21
N LYS A 234 -10.54 -12.15 9.83
CA LYS A 234 -11.43 -11.02 9.51
C LYS A 234 -12.19 -11.15 8.19
N THR A 235 -11.62 -11.83 7.20
CA THR A 235 -12.28 -11.96 5.91
C THR A 235 -13.37 -13.06 5.84
N GLN A 236 -13.65 -13.73 6.98
CA GLN A 236 -14.80 -14.64 7.11
C GLN A 236 -16.17 -14.01 6.86
C1 OTJ B . -2.97 11.72 1.08
C2 OTJ B . -1.65 13.67 0.74
C3 OTJ B . 7.97 7.54 3.39
C4 OTJ B . -3.83 12.13 0.09
C5 OTJ B . -2.50 14.10 -0.28
C6 OTJ B . 8.14 6.18 3.20
C7 OTJ B . 5.80 5.81 3.65
C8 OTJ B . 7.22 10.16 4.83
C9 OTJ B . -1.88 12.49 1.43
C10 OTJ B . 5.61 7.15 3.85
C11 OTJ B . 6.70 7.99 3.72
C12 OTJ B . -3.61 13.32 -0.59
C13 OTJ B . 7.06 5.32 3.32
C14 OTJ B . -1.04 12.01 2.53
C15 OTJ B . -0.25 12.77 3.36
C16 OTJ B . -0.07 10.67 3.90
C17 OTJ B . 2.05 8.50 3.09
C18 OTJ B . -4.68 14.84 -2.21
C19 OTJ B . -5.70 15.84 -4.02
C20 OTJ B . 4.21 7.63 4.21
C21 OTJ B . 0.40 9.48 4.66
C22 OTJ B . 3.48 8.02 2.92
N23 OTJ B . 6.87 11.40 4.64
N24 OTJ B . -0.90 10.69 2.88
N25 OTJ B . 5.97 11.41 3.59
N26 OTJ B . 5.78 10.16 3.16
N27 OTJ B . 0.34 11.92 4.23
N28 OTJ B . 6.56 9.38 3.91
N29 OTJ B . -4.55 13.61 -1.59
N30 OTJ B . 1.76 9.09 4.31
O31 OTJ B . 1.22 8.43 2.19
O32 OTJ B . -3.95 15.82 -2.10
O33 OTJ B . -5.75 14.79 -3.04
CL3 OTJ B . 7.28 3.63 3.09
CL5 OTJ B . 0.06 14.48 3.48
S SO4 C . 3.81 -18.69 13.74
O1 SO4 C . 4.88 -19.13 12.83
O2 SO4 C . 4.30 -18.82 15.13
O3 SO4 C . 3.48 -17.28 13.44
O4 SO4 C . 2.62 -19.54 13.55
S SO4 D . 22.14 0.19 -1.91
O1 SO4 D . 21.65 -0.46 -3.17
O2 SO4 D . 23.41 -0.45 -1.49
O3 SO4 D . 21.12 0.02 -0.86
O4 SO4 D . 22.33 1.65 -2.14
S SO4 E . 14.74 -23.23 4.39
O1 SO4 E . 15.82 -23.67 3.46
O2 SO4 E . 15.33 -22.35 5.42
O3 SO4 E . 14.13 -24.42 5.02
O4 SO4 E . 13.72 -22.48 3.61
#